data_3AVF
#
_entry.id   3AVF
#
_cell.length_a   70.653
_cell.length_b   70.653
_cell.length_c   66.862
_cell.angle_alpha   90.000
_cell.angle_beta   90.000
_cell.angle_gamma   120.000
#
_symmetry.space_group_name_H-M   'P 31'
#
loop_
_entity.id
_entity.type
_entity.pdbx_description
1 polymer Integrase
2 polymer 'LEDGF peptide'
3 non-polymer 'SULFATE ION'
4 non-polymer 'CHLORIDE ION'
5 non-polymer 'ACETIC ACID'
6 water water
#
loop_
_entity_poly.entity_id
_entity_poly.type
_entity_poly.pdbx_seq_one_letter_code
_entity_poly.pdbx_strand_id
1 'polypeptide(L)'
;MGSSHHHHHHSSGLVPRGSHMHGQVDSSPGIWQLDCTHLEGKVILVAVHVASGYIEAEVIPAETGQETAYFLLKLAGRWP
VKTVHTDNGSNFTSTTVKAACWWAGIKQEDGIPYNPQSQGVIESMNKELKKIIGQVRDQAEHLKTAVQMAVFIHNHKRKG
GIGGYSAGERIVDIIATDIQ
;
A,B
2 'polypeptide(L)' DLKIDNLD D,F
#
# COMPACT_ATOMS: atom_id res chain seq x y z
N SER A 28 10.73 -14.65 -10.80
CA SER A 28 11.14 -13.81 -9.62
C SER A 28 10.79 -12.26 -9.52
N PRO A 29 10.41 -11.55 -10.59
CA PRO A 29 9.82 -10.29 -10.28
C PRO A 29 8.47 -10.37 -9.48
N GLY A 30 7.77 -11.51 -9.60
CA GLY A 30 6.41 -11.53 -9.03
C GLY A 30 6.34 -12.32 -7.69
N ILE A 31 7.51 -12.65 -7.09
N ILE A 31 7.50 -12.63 -7.09
CA ILE A 31 7.57 -13.53 -5.89
CA ILE A 31 7.49 -13.51 -5.90
C ILE A 31 7.61 -12.77 -4.60
C ILE A 31 7.63 -12.79 -4.59
N TRP A 32 6.67 -13.04 -3.69
CA TRP A 32 6.62 -12.38 -2.42
C TRP A 32 6.53 -13.41 -1.28
N GLN A 33 7.03 -13.02 -0.11
CA GLN A 33 7.01 -13.90 1.08
CA GLN A 33 6.97 -13.91 1.06
C GLN A 33 6.29 -13.19 2.20
N LEU A 34 5.31 -13.86 2.85
N LEU A 34 5.35 -13.87 2.86
CA LEU A 34 4.68 -13.26 4.05
CA LEU A 34 4.68 -13.29 4.02
C LEU A 34 5.51 -13.55 5.28
C LEU A 34 5.48 -13.55 5.27
N ASP A 35 5.35 -12.66 6.26
CA ASP A 35 6.14 -12.81 7.52
C ASP A 35 5.33 -12.16 8.63
N CYS A 36 5.25 -12.76 9.82
CA CYS A 36 4.38 -12.21 10.82
C CYS A 36 5.28 -12.11 12.03
N THR A 37 5.35 -10.93 12.60
CA THR A 37 6.15 -10.78 13.83
C THR A 37 5.33 -10.06 14.88
N HIS A 38 5.76 -10.09 16.15
CA HIS A 38 4.90 -9.54 17.17
C HIS A 38 5.66 -8.45 17.98
N LEU A 39 4.91 -7.43 18.36
CA LEU A 39 5.41 -6.34 19.19
C LEU A 39 4.26 -5.73 19.94
N GLU A 40 4.48 -5.43 21.21
CA GLU A 40 3.53 -4.63 22.00
C GLU A 40 2.21 -5.35 22.10
N GLY A 41 2.27 -6.69 22.06
CA GLY A 41 1.05 -7.46 22.14
C GLY A 41 0.21 -7.44 20.87
N LYS A 42 0.80 -6.96 19.77
CA LYS A 42 0.07 -6.85 18.53
C LYS A 42 0.91 -7.57 17.52
N VAL A 43 0.35 -7.76 16.32
CA VAL A 43 0.97 -8.48 15.29
C VAL A 43 1.26 -7.55 14.11
N ILE A 44 2.45 -7.74 13.54
CA ILE A 44 2.84 -6.89 12.39
C ILE A 44 2.93 -7.94 11.25
N LEU A 45 2.11 -7.74 10.25
N LEU A 45 2.09 -7.80 10.24
CA LEU A 45 2.16 -8.63 9.09
CA LEU A 45 2.18 -8.69 9.07
C LEU A 45 2.95 -7.94 8.01
C LEU A 45 2.96 -7.96 8.02
N VAL A 46 3.91 -8.63 7.40
CA VAL A 46 4.80 -8.05 6.44
C VAL A 46 4.76 -8.84 5.19
N ALA A 47 4.79 -8.21 4.01
CA ALA A 47 5.08 -8.94 2.80
C ALA A 47 6.40 -8.45 2.24
N VAL A 48 7.30 -9.39 1.91
CA VAL A 48 8.61 -9.03 1.36
C VAL A 48 8.70 -9.44 -0.09
N HIS A 49 9.11 -8.52 -0.97
CA HIS A 49 9.40 -8.86 -2.32
C HIS A 49 10.79 -9.44 -2.36
N VAL A 50 10.84 -10.77 -2.64
CA VAL A 50 12.08 -11.51 -2.30
C VAL A 50 13.32 -11.02 -3.04
N ALA A 51 13.14 -10.63 -4.27
CA ALA A 51 14.32 -10.31 -5.13
C ALA A 51 14.88 -8.91 -4.77
N SER A 52 14.07 -7.98 -4.25
CA SER A 52 14.50 -6.63 -3.87
C SER A 52 14.66 -6.33 -2.40
N GLY A 53 13.97 -7.07 -1.51
CA GLY A 53 13.86 -6.77 -0.10
C GLY A 53 12.86 -5.66 0.24
N TYR A 54 12.09 -5.18 -0.76
CA TYR A 54 11.10 -4.11 -0.46
C TYR A 54 10.04 -4.79 0.38
N ILE A 55 9.43 -4.00 1.21
CA ILE A 55 8.36 -4.54 2.09
C ILE A 55 7.13 -3.62 2.14
N GLU A 56 5.96 -4.30 2.43
CA GLU A 56 4.75 -3.57 2.85
C GLU A 56 4.39 -4.22 4.20
N ALA A 57 3.75 -3.46 5.07
CA ALA A 57 3.41 -4.11 6.36
C ALA A 57 2.18 -3.41 6.97
N GLU A 58 1.50 -4.13 7.87
CA GLU A 58 0.44 -3.53 8.66
CA GLU A 58 0.45 -3.53 8.66
C GLU A 58 0.42 -4.10 10.06
N VAL A 59 -0.22 -3.35 10.95
CA VAL A 59 -0.51 -3.85 12.32
C VAL A 59 -1.91 -4.33 12.41
N ILE A 60 -2.10 -5.56 12.94
CA ILE A 60 -3.47 -6.14 13.21
C ILE A 60 -3.47 -6.72 14.59
N PRO A 61 -4.65 -6.90 15.23
CA PRO A 61 -4.68 -7.33 16.63
C PRO A 61 -4.27 -8.76 16.74
N ALA A 62 -4.58 -9.55 15.70
CA ALA A 62 -4.09 -10.91 15.64
C ALA A 62 -4.10 -11.43 14.24
N GLU A 63 -3.33 -12.50 13.97
N GLU A 63 -3.40 -12.56 13.94
CA GLU A 63 -3.25 -12.97 12.63
CA GLU A 63 -3.16 -13.04 12.54
C GLU A 63 -4.45 -13.88 12.52
C GLU A 63 -4.19 -14.08 12.04
N THR A 64 -5.29 -13.57 11.54
CA THR A 64 -6.38 -14.41 11.14
C THR A 64 -6.36 -14.65 9.62
N GLY A 65 -7.12 -15.66 9.11
CA GLY A 65 -7.16 -15.83 7.63
C GLY A 65 -7.80 -14.58 6.99
N GLN A 66 -8.87 -14.04 7.62
CA GLN A 66 -9.51 -12.87 7.04
C GLN A 66 -8.53 -11.70 6.94
N GLU A 67 -7.76 -11.47 8.01
CA GLU A 67 -6.81 -10.31 7.97
C GLU A 67 -5.74 -10.58 6.94
N THR A 68 -5.26 -11.85 6.84
CA THR A 68 -4.15 -12.08 5.91
C THR A 68 -4.66 -11.96 4.45
N ALA A 69 -5.90 -12.42 4.28
CA ALA A 69 -6.54 -12.37 2.94
C ALA A 69 -6.72 -10.90 2.46
N TYR A 70 -7.19 -10.07 3.38
CA TYR A 70 -7.35 -8.63 2.99
C TYR A 70 -6.00 -7.97 2.69
N PHE A 71 -5.00 -8.28 3.50
CA PHE A 71 -3.66 -7.70 3.23
C PHE A 71 -3.17 -8.20 1.86
N LEU A 72 -3.35 -9.49 1.49
CA LEU A 72 -2.88 -9.92 0.19
C LEU A 72 -3.68 -9.26 -0.96
N LEU A 73 -4.99 -9.02 -0.74
CA LEU A 73 -5.79 -8.32 -1.75
C LEU A 73 -5.23 -6.91 -1.93
N LYS A 74 -4.89 -6.24 -0.83
CA LYS A 74 -4.29 -4.88 -0.95
CA LYS A 74 -4.28 -4.87 -0.98
C LYS A 74 -2.95 -4.95 -1.74
N LEU A 75 -2.09 -5.92 -1.34
CA LEU A 75 -0.80 -5.99 -1.97
C LEU A 75 -0.90 -6.22 -3.51
N ALA A 76 -1.76 -7.16 -3.86
CA ALA A 76 -1.88 -7.51 -5.24
C ALA A 76 -2.51 -6.44 -6.14
N GLY A 77 -3.28 -5.52 -5.51
CA GLY A 77 -3.78 -4.38 -6.32
C GLY A 77 -2.69 -3.35 -6.57
N ARG A 78 -1.52 -3.43 -5.80
CA ARG A 78 -0.55 -2.36 -5.83
C ARG A 78 0.70 -2.82 -6.56
N TRP A 79 1.04 -4.13 -6.55
CA TRP A 79 2.19 -4.67 -7.28
C TRP A 79 1.77 -5.93 -7.98
N PRO A 80 2.53 -6.34 -8.99
CA PRO A 80 2.11 -7.55 -9.76
C PRO A 80 2.54 -8.85 -9.11
N VAL A 81 1.73 -9.30 -8.20
CA VAL A 81 2.02 -10.38 -7.28
C VAL A 81 1.65 -11.69 -8.04
N LYS A 82 2.68 -12.46 -8.40
CA LYS A 82 2.46 -13.74 -9.09
C LYS A 82 2.35 -14.90 -8.07
N THR A 83 3.21 -14.87 -7.05
N THR A 83 3.23 -14.91 -7.07
CA THR A 83 3.31 -16.03 -6.11
CA THR A 83 3.24 -16.04 -6.13
C THR A 83 3.45 -15.43 -4.73
C THR A 83 3.46 -15.48 -4.73
N VAL A 84 2.76 -16.04 -3.77
CA VAL A 84 3.06 -15.66 -2.36
CA VAL A 84 3.01 -15.66 -2.36
C VAL A 84 3.41 -16.94 -1.63
N HIS A 85 4.58 -16.89 -1.00
CA HIS A 85 4.94 -17.92 0.00
C HIS A 85 4.37 -17.52 1.32
N THR A 86 3.41 -18.33 1.82
CA THR A 86 2.69 -18.00 3.07
CA THR A 86 2.70 -18.02 3.00
C THR A 86 3.64 -18.15 4.25
N ASP A 87 3.25 -17.45 5.34
CA ASP A 87 4.20 -17.40 6.51
C ASP A 87 4.09 -18.62 7.46
N ASN A 88 2.98 -19.32 7.34
CA ASN A 88 2.78 -20.54 8.20
C ASN A 88 1.72 -21.40 7.57
N GLY A 89 1.46 -22.53 8.21
CA GLY A 89 0.61 -23.56 7.63
C GLY A 89 -0.86 -23.16 7.88
N SER A 90 -1.14 -22.34 8.83
CA SER A 90 -2.57 -21.97 9.04
C SER A 90 -3.00 -21.03 7.86
N ASN A 91 -2.15 -20.06 7.56
CA ASN A 91 -2.46 -19.20 6.35
C ASN A 91 -2.38 -19.98 5.07
N PHE A 92 -1.53 -20.97 4.95
CA PHE A 92 -1.60 -21.82 3.74
C PHE A 92 -2.91 -22.59 3.65
N THR A 93 -3.40 -23.12 4.77
CA THR A 93 -4.61 -23.95 4.76
C THR A 93 -5.85 -23.07 4.60
N SER A 94 -5.86 -21.85 5.15
CA SER A 94 -7.09 -21.04 5.29
C SER A 94 -7.86 -20.88 3.95
N THR A 95 -9.14 -21.26 3.99
N THR A 95 -9.14 -21.29 3.99
CA THR A 95 -9.81 -21.20 2.67
CA THR A 95 -9.85 -21.20 2.68
C THR A 95 -10.07 -19.73 2.33
C THR A 95 -10.04 -19.73 2.32
N THR A 96 -10.13 -18.85 3.34
CA THR A 96 -10.27 -17.39 3.08
C THR A 96 -9.03 -16.84 2.38
N VAL A 97 -7.83 -17.24 2.87
CA VAL A 97 -6.63 -16.80 2.17
C VAL A 97 -6.64 -17.42 0.76
N LYS A 98 -7.00 -18.70 0.59
CA LYS A 98 -7.01 -19.26 -0.73
C LYS A 98 -7.99 -18.51 -1.65
N ALA A 99 -9.10 -18.09 -1.04
CA ALA A 99 -10.14 -17.33 -1.83
C ALA A 99 -9.56 -16.02 -2.30
N ALA A 100 -8.80 -15.31 -1.47
CA ALA A 100 -8.25 -14.04 -1.94
C ALA A 100 -7.21 -14.26 -2.96
N CYS A 101 -6.39 -15.32 -2.82
CA CYS A 101 -5.30 -15.58 -3.79
C CYS A 101 -5.98 -15.99 -5.16
N TRP A 102 -7.12 -16.72 -5.08
CA TRP A 102 -7.84 -16.96 -6.32
C TRP A 102 -8.34 -15.64 -6.90
N TRP A 103 -8.95 -14.79 -6.10
CA TRP A 103 -9.55 -13.57 -6.59
C TRP A 103 -8.54 -12.75 -7.31
N ALA A 104 -7.38 -12.57 -6.63
CA ALA A 104 -6.33 -11.66 -7.13
C ALA A 104 -5.35 -12.29 -8.12
N GLY A 105 -5.58 -13.55 -8.49
CA GLY A 105 -4.68 -14.26 -9.39
C GLY A 105 -3.31 -14.59 -8.87
N ILE A 106 -3.27 -14.90 -7.59
CA ILE A 106 -1.95 -15.22 -6.99
C ILE A 106 -1.87 -16.74 -6.78
N LYS A 107 -0.70 -17.29 -7.08
CA LYS A 107 -0.38 -18.71 -6.74
CA LYS A 107 -0.35 -18.69 -6.74
C LYS A 107 0.02 -18.73 -5.29
N GLN A 108 -0.75 -19.46 -4.48
CA GLN A 108 -0.43 -19.50 -3.07
C GLN A 108 0.45 -20.71 -2.85
N GLU A 109 1.59 -20.51 -2.21
CA GLU A 109 2.59 -21.56 -2.02
C GLU A 109 2.94 -21.66 -0.53
N ASP A 110 3.56 -22.78 -0.17
CA ASP A 110 4.12 -22.86 1.20
C ASP A 110 5.36 -21.98 1.41
N GLY A 111 5.93 -21.95 2.63
CA GLY A 111 7.04 -21.02 2.92
C GLY A 111 8.21 -21.82 3.50
N ILE A 112 8.19 -23.09 3.16
CA ILE A 112 9.30 -24.03 3.63
CA ILE A 112 9.31 -23.97 3.65
C ILE A 112 10.67 -23.43 3.18
N PRO A 113 11.64 -23.27 4.12
CA PRO A 113 12.92 -22.68 3.70
C PRO A 113 13.82 -23.79 3.10
N TYR A 114 13.45 -24.25 1.93
CA TYR A 114 14.31 -25.19 1.17
C TYR A 114 15.72 -24.67 1.03
N ASN A 115 15.84 -23.34 0.91
CA ASN A 115 17.12 -22.68 1.04
C ASN A 115 17.22 -22.16 2.46
N PRO A 116 18.11 -22.77 3.26
CA PRO A 116 17.99 -22.41 4.69
C PRO A 116 18.33 -20.94 4.88
N GLN A 117 18.96 -20.30 3.87
CA GLN A 117 19.29 -18.87 4.02
C GLN A 117 18.03 -17.98 4.20
N SER A 118 16.88 -18.45 3.69
CA SER A 118 15.56 -17.76 3.91
C SER A 118 15.21 -17.57 5.37
N GLN A 119 15.36 -18.59 6.19
CA GLN A 119 15.16 -18.42 7.62
C GLN A 119 15.89 -17.22 8.18
N GLY A 120 17.22 -17.17 7.91
CA GLY A 120 18.06 -16.14 8.45
C GLY A 120 17.70 -14.77 7.92
N VAL A 121 17.32 -14.69 6.66
CA VAL A 121 17.06 -13.38 6.00
C VAL A 121 15.81 -12.78 6.67
N ILE A 122 14.77 -13.58 6.86
N ILE A 122 14.76 -13.57 6.88
CA ILE A 122 13.53 -13.14 7.50
CA ILE A 122 13.54 -13.04 7.52
C ILE A 122 13.75 -12.75 8.95
C ILE A 122 13.76 -12.70 8.99
N GLU A 123 14.53 -13.54 9.69
N GLU A 123 14.55 -13.51 9.70
CA GLU A 123 14.78 -13.22 11.08
CA GLU A 123 14.86 -13.21 11.10
C GLU A 123 15.58 -11.89 11.18
C GLU A 123 15.58 -11.87 11.16
N SER A 124 16.56 -11.69 10.32
CA SER A 124 17.36 -10.46 10.35
C SER A 124 16.49 -9.32 9.96
N MET A 125 15.60 -9.54 8.99
N MET A 125 15.61 -9.55 8.99
CA MET A 125 14.63 -8.46 8.63
CA MET A 125 14.64 -8.50 8.62
C MET A 125 13.76 -8.05 9.82
C MET A 125 13.76 -8.06 9.80
N ASN A 126 13.24 -9.03 10.57
CA ASN A 126 12.37 -8.68 11.67
C ASN A 126 13.12 -7.93 12.75
N LYS A 127 14.38 -8.36 12.97
CA LYS A 127 15.19 -7.63 13.96
C LYS A 127 15.48 -6.18 13.56
N GLU A 128 15.80 -5.97 12.26
CA GLU A 128 15.96 -4.62 11.67
C GLU A 128 14.69 -3.82 11.81
N LEU A 129 13.55 -4.38 11.41
N LEU A 129 13.57 -4.42 11.40
CA LEU A 129 12.33 -3.57 11.61
CA LEU A 129 12.33 -3.67 11.55
C LEU A 129 12.04 -3.19 13.02
C LEU A 129 12.05 -3.24 12.97
N LYS A 130 12.21 -4.15 13.95
CA LYS A 130 11.99 -3.76 15.33
C LYS A 130 12.97 -2.71 15.84
N LYS A 131 14.17 -2.79 15.31
CA LYS A 131 15.16 -1.73 15.68
C LYS A 131 14.69 -0.35 15.23
N ILE A 132 14.18 -0.29 14.00
CA ILE A 132 13.77 0.95 13.44
C ILE A 132 12.57 1.42 14.19
N ILE A 133 11.59 0.51 14.45
CA ILE A 133 10.45 0.89 15.19
C ILE A 133 10.82 1.52 16.58
N GLY A 134 11.82 0.91 17.23
CA GLY A 134 12.28 1.54 18.48
C GLY A 134 12.89 2.90 18.28
N GLN A 135 13.57 3.10 17.18
CA GLN A 135 14.15 4.40 16.91
C GLN A 135 13.11 5.47 16.63
N VAL A 136 11.90 5.09 16.18
CA VAL A 136 10.90 6.13 15.97
C VAL A 136 9.82 6.14 16.97
N ARG A 137 9.86 5.11 17.81
CA ARG A 137 8.59 4.73 18.47
C ARG A 137 8.07 5.91 19.23
N ASP A 138 8.99 6.70 19.78
CA ASP A 138 8.53 7.86 20.55
C ASP A 138 8.04 9.14 19.74
N GLN A 139 8.11 9.09 18.42
CA GLN A 139 7.56 10.16 17.55
C GLN A 139 6.12 9.78 17.27
N ALA A 140 5.70 8.58 17.66
CA ALA A 140 4.34 8.10 17.29
C ALA A 140 3.56 7.68 18.50
N GLU A 141 2.33 8.11 18.55
CA GLU A 141 1.44 7.71 19.61
C GLU A 141 1.05 6.25 19.40
N HIS A 142 0.70 5.90 18.18
CA HIS A 142 0.25 4.52 17.89
C HIS A 142 1.25 3.66 17.18
N LEU A 143 1.29 2.38 17.50
CA LEU A 143 2.23 1.50 16.84
C LEU A 143 2.07 1.53 15.34
N LYS A 144 0.84 1.61 14.83
CA LYS A 144 0.72 1.60 13.38
C LYS A 144 1.46 2.68 12.68
N THR A 145 1.53 3.88 13.25
CA THR A 145 2.39 4.96 12.64
C THR A 145 3.85 4.58 12.68
N ALA A 146 4.32 4.03 13.84
CA ALA A 146 5.70 3.67 13.90
C ALA A 146 6.05 2.61 12.85
N VAL A 147 5.12 1.66 12.68
CA VAL A 147 5.41 0.61 11.68
C VAL A 147 5.47 1.18 10.28
N GLN A 148 4.59 2.17 9.98
CA GLN A 148 4.68 2.75 8.64
C GLN A 148 5.93 3.65 8.49
N MET A 149 6.41 4.26 9.60
CA MET A 149 7.68 4.99 9.49
C MET A 149 8.81 4.01 9.20
N ALA A 150 8.73 2.80 9.84
CA ALA A 150 9.77 1.83 9.60
C ALA A 150 9.75 1.21 8.20
N VAL A 151 8.56 1.02 7.65
CA VAL A 151 8.44 0.62 6.25
C VAL A 151 9.13 1.69 5.34
N PHE A 152 8.85 2.97 5.64
CA PHE A 152 9.42 4.02 4.82
C PHE A 152 10.96 4.01 4.93
N ILE A 153 11.44 3.91 6.16
CA ILE A 153 12.94 3.94 6.29
C ILE A 153 13.54 2.69 5.67
N HIS A 154 12.93 1.51 5.87
CA HIS A 154 13.51 0.30 5.27
C HIS A 154 13.58 0.40 3.71
N ASN A 155 12.47 0.88 3.05
CA ASN A 155 12.38 0.83 1.60
C ASN A 155 13.25 1.93 1.01
N HIS A 156 13.55 2.97 1.79
CA HIS A 156 14.35 4.07 1.21
C HIS A 156 15.83 3.95 1.54
N LYS A 157 16.17 3.02 2.41
CA LYS A 157 17.61 2.83 2.79
C LYS A 157 18.50 2.40 1.64
N ARG A 158 19.62 3.18 1.42
CA ARG A 158 20.54 2.73 0.37
C ARG A 158 21.49 1.69 0.93
N LYS A 159 21.57 0.52 0.30
CA LYS A 159 22.39 -0.54 0.83
C LYS A 159 23.66 -0.72 0.02
N GLY A 164 24.75 2.86 -3.05
CA GLY A 164 24.01 1.72 -3.58
C GLY A 164 22.57 2.11 -3.94
N TYR A 165 21.75 1.11 -4.19
CA TYR A 165 20.38 1.36 -4.54
C TYR A 165 19.54 1.05 -3.28
N SER A 166 18.31 1.59 -3.26
CA SER A 166 17.41 1.20 -2.11
C SER A 166 16.52 0.02 -2.59
N ALA A 167 15.81 -0.61 -1.62
CA ALA A 167 14.87 -1.71 -2.01
C ALA A 167 13.77 -1.13 -2.92
N GLY A 168 13.32 0.09 -2.67
CA GLY A 168 12.23 0.72 -3.49
C GLY A 168 12.74 0.94 -4.93
N GLU A 169 14.01 1.30 -5.02
CA GLU A 169 14.57 1.37 -6.43
C GLU A 169 14.71 0.02 -7.07
N ARG A 170 15.15 -0.97 -6.30
CA ARG A 170 15.39 -2.28 -6.83
C ARG A 170 14.07 -2.87 -7.30
N ILE A 171 13.00 -2.71 -6.51
CA ILE A 171 11.77 -3.42 -6.96
C ILE A 171 11.22 -2.82 -8.25
N VAL A 172 11.27 -1.50 -8.41
CA VAL A 172 10.82 -0.88 -9.67
C VAL A 172 11.71 -1.27 -10.84
N ASP A 173 13.01 -1.30 -10.61
CA ASP A 173 14.03 -1.76 -11.64
CA ASP A 173 13.93 -1.71 -11.70
C ASP A 173 13.69 -3.17 -12.10
N ILE A 174 13.46 -4.05 -11.16
CA ILE A 174 13.21 -5.45 -11.51
C ILE A 174 11.93 -5.61 -12.25
N ILE A 175 10.84 -4.95 -11.79
CA ILE A 175 9.59 -5.16 -12.48
C ILE A 175 9.63 -4.51 -13.87
N ALA A 176 10.31 -3.35 -13.97
CA ALA A 176 10.28 -2.64 -15.29
C ALA A 176 11.03 -3.48 -16.32
N THR A 177 12.10 -4.10 -15.87
CA THR A 177 12.96 -4.92 -16.69
C THR A 177 12.13 -6.08 -17.21
N ASP A 178 11.36 -6.70 -16.31
CA ASP A 178 10.44 -7.78 -16.67
C ASP A 178 9.35 -7.29 -17.68
N ILE A 179 8.76 -6.13 -17.48
CA ILE A 179 7.71 -5.61 -18.40
C ILE A 179 8.27 -5.41 -19.81
N GLN A 180 9.54 -4.99 -19.90
CA GLN A 180 10.19 -4.59 -21.16
C GLN A 180 10.84 -5.75 -21.93
N SER B 27 8.43 17.64 -10.52
CA SER B 27 9.13 16.50 -11.22
C SER B 27 8.28 15.24 -11.21
N SER B 28 7.63 15.12 -12.38
CA SER B 28 6.42 14.29 -12.67
C SER B 28 6.35 12.72 -12.45
N PRO B 29 7.48 11.97 -12.38
CA PRO B 29 7.38 10.67 -11.81
C PRO B 29 6.96 10.72 -10.30
N GLY B 30 7.18 11.85 -9.64
CA GLY B 30 6.96 11.84 -8.17
C GLY B 30 5.63 12.61 -7.77
N ILE B 31 4.77 12.96 -8.75
N ILE B 31 4.76 12.88 -8.75
CA ILE B 31 3.58 13.80 -8.43
CA ILE B 31 3.61 13.75 -8.47
C ILE B 31 2.32 13.02 -8.27
C ILE B 31 2.33 13.00 -8.27
N TRP B 32 1.64 13.21 -7.14
CA TRP B 32 0.42 12.55 -6.84
C TRP B 32 -0.63 13.56 -6.44
N GLN B 33 -1.86 13.16 -6.65
CA GLN B 33 -3.07 13.98 -6.33
CA GLN B 33 -3.03 13.99 -6.31
C GLN B 33 -3.96 13.22 -5.39
N LEU B 34 -4.39 13.86 -4.30
CA LEU B 34 -5.37 13.25 -3.40
C LEU B 34 -6.77 13.53 -3.87
N ASP B 35 -7.68 12.63 -3.53
CA ASP B 35 -9.09 12.72 -3.99
C ASP B 35 -9.96 12.05 -2.99
N CYS B 36 -11.12 12.62 -2.62
CA CYS B 36 -11.86 12.02 -1.55
C CYS B 36 -13.26 11.90 -2.13
N THR B 37 -13.81 10.72 -2.06
CA THR B 37 -15.19 10.56 -2.61
C THR B 37 -16.02 9.78 -1.59
N HIS B 38 -17.37 9.78 -1.70
CA HIS B 38 -18.15 9.18 -0.65
C HIS B 38 -19.07 8.08 -1.19
N LEU B 39 -19.27 7.03 -0.41
CA LEU B 39 -20.18 5.92 -0.74
C LEU B 39 -20.61 5.28 0.54
N GLU B 40 -21.90 4.95 0.62
CA GLU B 40 -22.39 4.18 1.74
C GLU B 40 -22.20 4.84 3.08
N GLY B 41 -22.20 6.19 3.03
CA GLY B 41 -21.97 6.97 4.25
C GLY B 41 -20.55 6.93 4.74
N LYS B 42 -19.62 6.48 3.90
CA LYS B 42 -18.23 6.39 4.31
C LYS B 42 -17.49 7.17 3.27
N VAL B 43 -16.21 7.34 3.54
CA VAL B 43 -15.36 8.13 2.74
C VAL B 43 -14.30 7.22 2.12
N ILE B 44 -14.04 7.45 0.84
CA ILE B 44 -12.97 6.60 0.20
C ILE B 44 -11.92 7.68 -0.13
N LEU B 45 -10.73 7.51 0.41
CA LEU B 45 -9.64 8.42 0.14
C LEU B 45 -8.74 7.78 -0.91
N VAL B 46 -8.39 8.53 -1.96
CA VAL B 46 -7.63 7.94 -3.04
C VAL B 46 -6.43 8.81 -3.30
N ALA B 47 -5.30 8.21 -3.62
CA ALA B 47 -4.19 8.96 -4.15
C ALA B 47 -3.92 8.50 -5.56
N VAL B 48 -3.81 9.46 -6.51
CA VAL B 48 -3.62 9.11 -7.88
C VAL B 48 -2.23 9.59 -8.31
N HIS B 49 -1.49 8.71 -8.97
CA HIS B 49 -0.24 9.06 -9.53
C HIS B 49 -0.55 9.69 -10.90
N VAL B 50 -0.30 11.01 -10.97
CA VAL B 50 -0.93 11.79 -12.07
C VAL B 50 -0.47 11.30 -13.46
N ALA B 51 0.79 10.98 -13.60
CA ALA B 51 1.34 10.66 -14.95
C ALA B 51 0.88 9.30 -15.44
N SER B 52 0.55 8.36 -14.53
CA SER B 52 0.13 6.99 -14.95
C SER B 52 -1.33 6.65 -14.77
N GLY B 53 -2.02 7.35 -13.87
CA GLY B 53 -3.37 7.07 -13.41
C GLY B 53 -3.41 5.85 -12.43
N TYR B 54 -2.26 5.39 -11.94
CA TYR B 54 -2.31 4.31 -10.90
C TYR B 54 -2.89 4.95 -9.64
N ILE B 55 -3.55 4.12 -8.86
CA ILE B 55 -4.15 4.65 -7.60
C ILE B 55 -3.89 3.72 -6.42
N GLU B 56 -3.95 4.31 -5.20
CA GLU B 56 -4.07 3.55 -3.94
C GLU B 56 -5.32 4.17 -3.29
N ALA B 57 -6.01 3.40 -2.47
CA ALA B 57 -7.20 3.98 -1.85
C ALA B 57 -7.47 3.30 -0.51
N GLU B 58 -8.25 3.94 0.41
CA GLU B 58 -8.71 3.27 1.62
CA GLU B 58 -8.69 3.28 1.61
C GLU B 58 -10.06 3.84 1.98
N VAL B 59 -10.77 3.07 2.77
CA VAL B 59 -12.07 3.53 3.36
C VAL B 59 -11.80 3.99 4.74
N ILE B 60 -12.32 5.17 5.10
CA ILE B 60 -12.25 5.71 6.49
C ILE B 60 -13.61 6.28 6.81
N PRO B 61 -13.93 6.43 8.11
CA PRO B 61 -15.30 6.79 8.51
C PRO B 61 -15.57 8.24 8.18
N ALA B 62 -14.51 9.08 8.24
CA ALA B 62 -14.62 10.47 7.83
C ALA B 62 -13.25 11.01 7.48
N GLU B 63 -13.16 12.12 6.74
N GLU B 63 -13.18 12.05 6.66
CA GLU B 63 -11.84 12.60 6.22
CA GLU B 63 -11.87 12.53 6.27
C GLU B 63 -11.12 13.63 7.14
C GLU B 63 -11.50 13.40 7.48
N THR B 64 -10.32 13.13 8.06
CA THR B 64 -9.73 14.00 9.10
C THR B 64 -8.25 14.23 8.71
N GLY B 65 -7.61 15.27 9.31
CA GLY B 65 -6.16 15.48 8.99
C GLY B 65 -5.38 14.24 9.47
N GLN B 66 -5.72 13.65 10.61
N GLN B 66 -5.71 13.65 10.61
CA GLN B 66 -4.99 12.49 11.08
CA GLN B 66 -5.00 12.49 11.09
C GLN B 66 -5.08 11.30 10.12
C GLN B 66 -5.08 11.30 10.12
N GLU B 67 -6.28 11.05 9.60
CA GLU B 67 -6.47 9.91 8.62
C GLU B 67 -5.71 10.26 7.38
N THR B 68 -5.80 11.53 6.91
CA THR B 68 -5.11 11.85 5.66
C THR B 68 -3.58 11.74 5.80
N ALA B 69 -3.12 12.19 6.97
CA ALA B 69 -1.64 12.14 7.25
C ALA B 69 -1.13 10.67 7.26
N TYR B 70 -1.91 9.82 7.91
CA TYR B 70 -1.47 8.38 7.94
C TYR B 70 -1.48 7.77 6.56
N PHE B 71 -2.50 8.08 5.79
CA PHE B 71 -2.57 7.56 4.41
C PHE B 71 -1.33 8.02 3.64
N LEU B 72 -0.98 9.31 3.75
CA LEU B 72 0.17 9.79 3.01
C LEU B 72 1.51 9.17 3.51
N LEU B 73 1.62 8.94 4.83
CA LEU B 73 2.80 8.20 5.35
C LEU B 73 2.86 6.79 4.73
N LYS B 74 1.74 6.09 4.64
CA LYS B 74 1.72 4.82 3.98
CA LYS B 74 1.74 4.80 3.96
C LYS B 74 2.18 4.93 2.50
N LEU B 75 1.59 5.89 1.75
CA LEU B 75 1.88 6.00 0.37
C LEU B 75 3.40 6.27 0.13
N ALA B 76 3.92 7.23 0.90
CA ALA B 76 5.31 7.59 0.68
C ALA B 76 6.33 6.52 1.09
N GLY B 77 5.89 5.56 1.92
CA GLY B 77 6.83 4.46 2.28
C GLY B 77 6.86 3.45 1.09
N ARG B 78 5.82 3.55 0.16
CA ARG B 78 5.65 2.52 -0.86
C ARG B 78 6.07 2.98 -2.22
N TRP B 79 5.92 4.28 -2.54
CA TRP B 79 6.40 4.83 -3.80
C TRP B 79 7.12 6.12 -3.55
N PRO B 80 7.95 6.58 -4.52
CA PRO B 80 8.79 7.80 -4.24
C PRO B 80 7.98 9.08 -4.50
N VAL B 81 7.28 9.52 -3.47
CA VAL B 81 6.30 10.57 -3.49
C VAL B 81 7.12 11.87 -3.32
N LYS B 82 7.19 12.68 -4.38
CA LYS B 82 7.86 13.99 -4.26
C LYS B 82 6.90 15.11 -3.91
N THR B 83 5.73 15.11 -4.51
CA THR B 83 4.75 16.21 -4.34
C THR B 83 3.38 15.61 -4.21
N VAL B 84 2.61 16.10 -3.24
CA VAL B 84 1.19 15.74 -3.18
CA VAL B 84 1.17 15.75 -3.20
C VAL B 84 0.35 16.98 -3.35
N HIS B 85 -0.54 16.93 -4.35
CA HIS B 85 -1.59 17.98 -4.42
C HIS B 85 -2.75 17.56 -3.59
N THR B 86 -3.02 18.34 -2.55
CA THR B 86 -4.07 17.95 -1.58
CA THR B 86 -4.02 17.99 -1.58
C THR B 86 -5.43 18.10 -2.20
N ASP B 87 -6.39 17.38 -1.59
CA ASP B 87 -7.76 17.31 -2.26
C ASP B 87 -8.66 18.49 -1.89
N ASN B 88 -8.33 19.18 -0.79
CA ASN B 88 -9.15 20.34 -0.35
C ASN B 88 -8.29 21.20 0.59
N GLY B 89 -8.83 22.33 0.91
CA GLY B 89 -8.11 23.37 1.68
C GLY B 89 -7.96 22.92 3.13
N SER B 90 -8.84 22.09 3.66
CA SER B 90 -8.74 21.64 5.08
C SER B 90 -7.49 20.73 5.20
N ASN B 91 -7.33 19.82 4.23
CA ASN B 91 -6.06 18.93 4.26
C ASN B 91 -4.86 19.76 3.87
N PHE B 92 -4.96 20.81 3.08
CA PHE B 92 -3.78 21.66 2.88
C PHE B 92 -3.41 22.43 4.16
N THR B 93 -4.42 22.92 4.88
CA THR B 93 -4.15 23.72 6.11
C THR B 93 -3.66 22.82 7.24
N SER B 94 -4.17 21.60 7.30
CA SER B 94 -4.00 20.74 8.51
C SER B 94 -2.54 20.62 8.98
N THR B 95 -2.29 20.97 10.24
N THR B 95 -2.31 20.97 10.26
CA THR B 95 -0.86 20.90 10.61
CA THR B 95 -0.89 20.88 10.71
C THR B 95 -0.43 19.43 10.75
C THR B 95 -0.43 19.43 10.71
N THR B 96 -1.37 18.51 10.98
CA THR B 96 -1.06 17.07 11.04
C THR B 96 -0.66 16.58 9.66
N VAL B 97 -1.44 17.01 8.64
CA VAL B 97 -1.05 16.61 7.28
C VAL B 97 0.36 17.24 6.97
N LYS B 98 0.59 18.54 7.30
CA LYS B 98 1.90 19.15 7.02
C LYS B 98 3.02 18.40 7.73
N ALA B 99 2.71 17.94 8.94
CA ALA B 99 3.72 17.14 9.71
C ALA B 99 4.06 15.84 9.04
N ALA B 100 3.08 15.12 8.51
CA ALA B 100 3.41 13.88 7.80
C ALA B 100 4.15 14.18 6.59
N CYS B 101 3.83 15.27 5.83
CA CYS B 101 4.51 15.55 4.58
C CYS B 101 5.98 15.95 4.97
N TRP B 102 6.17 16.69 6.10
CA TRP B 102 7.55 16.97 6.49
C TRP B 102 8.23 15.64 6.77
N TRP B 103 7.62 14.78 7.52
CA TRP B 103 8.28 13.54 7.97
C TRP B 103 8.71 12.75 6.79
N ALA B 104 7.81 12.60 5.84
CA ALA B 104 8.08 11.69 4.72
C ALA B 104 8.81 12.34 3.55
N GLY B 105 9.18 13.64 3.72
CA GLY B 105 9.83 14.39 2.64
C GLY B 105 8.99 14.71 1.41
N ILE B 106 7.72 14.98 1.69
CA ILE B 106 6.83 15.33 0.56
C ILE B 106 6.60 16.83 0.55
N LYS B 107 6.56 17.41 -0.66
CA LYS B 107 6.16 18.79 -0.90
CA LYS B 107 6.16 18.80 -0.85
C LYS B 107 4.66 18.81 -0.92
N GLN B 108 4.06 19.46 0.06
CA GLN B 108 2.61 19.55 0.13
C GLN B 108 2.16 20.75 -0.69
N GLU B 109 1.28 20.55 -1.69
CA GLU B 109 0.84 21.64 -2.58
C GLU B 109 -0.70 21.69 -2.58
N ASP B 110 -1.22 22.80 -3.05
CA ASP B 110 -2.70 22.86 -3.30
C ASP B 110 -3.19 22.01 -4.48
N GLY B 111 -4.50 21.95 -4.76
CA GLY B 111 -5.01 21.02 -5.79
C GLY B 111 -5.84 21.86 -6.75
N ILE B 112 -5.53 23.14 -6.76
N ILE B 112 -5.50 23.12 -6.83
CA ILE B 112 -6.26 24.08 -7.73
CA ILE B 112 -6.20 24.01 -7.79
C ILE B 112 -6.09 23.54 -9.20
C ILE B 112 -6.08 23.44 -9.21
N PRO B 113 -7.22 23.32 -9.92
CA PRO B 113 -7.14 22.80 -11.31
C PRO B 113 -6.79 23.96 -12.27
N TYR B 114 -5.56 24.39 -12.25
CA TYR B 114 -5.06 25.44 -13.18
C TYR B 114 -5.22 24.96 -14.60
N ASN B 115 -5.05 23.65 -14.80
CA ASN B 115 -5.57 22.98 -15.99
C ASN B 115 -6.98 22.42 -15.74
N PRO B 116 -8.01 23.02 -16.35
CA PRO B 116 -9.35 22.59 -15.94
C PRO B 116 -9.58 21.11 -16.30
N GLN B 117 -8.73 20.56 -17.19
CA GLN B 117 -8.85 19.09 -17.50
C GLN B 117 -8.76 18.18 -16.23
N SER B 118 -8.05 18.65 -15.20
CA SER B 118 -8.00 17.92 -13.89
C SER B 118 -9.33 17.68 -13.20
N GLN B 119 -10.24 18.66 -13.10
CA GLN B 119 -11.56 18.39 -12.54
C GLN B 119 -12.19 17.21 -13.22
N GLY B 120 -12.26 17.24 -14.58
CA GLY B 120 -12.92 16.18 -15.33
C GLY B 120 -12.26 14.82 -15.10
N VAL B 121 -10.94 14.78 -15.08
CA VAL B 121 -10.18 13.50 -14.94
C VAL B 121 -10.52 12.88 -13.61
N ILE B 122 -10.49 13.68 -12.54
N ILE B 122 -10.49 13.67 -12.53
CA ILE B 122 -10.83 13.20 -11.19
CA ILE B 122 -10.82 13.12 -11.20
C ILE B 122 -12.27 12.75 -11.08
C ILE B 122 -12.28 12.73 -11.07
N GLU B 123 -13.20 13.55 -11.61
CA GLU B 123 -14.64 13.15 -11.60
C GLU B 123 -14.87 11.84 -12.34
N SER B 124 -14.24 11.67 -13.49
CA SER B 124 -14.44 10.48 -14.32
C SER B 124 -13.78 9.34 -13.58
N MET B 125 -12.65 9.61 -12.93
N MET B 125 -12.65 9.60 -12.93
CA MET B 125 -12.05 8.52 -12.10
CA MET B 125 -12.09 8.48 -12.12
C MET B 125 -12.98 8.06 -10.98
C MET B 125 -13.00 8.05 -10.98
N ASN B 126 -13.62 9.01 -10.27
CA ASN B 126 -14.51 8.61 -9.18
C ASN B 126 -15.72 7.85 -9.68
N LYS B 127 -16.23 8.28 -10.81
CA LYS B 127 -17.37 7.54 -11.39
CA LYS B 127 -17.35 7.54 -11.39
C LYS B 127 -16.99 6.11 -11.81
N GLU B 128 -15.82 5.93 -12.46
CA GLU B 128 -15.27 4.58 -12.79
C GLU B 128 -15.11 3.75 -11.54
N LEU B 129 -14.47 4.31 -10.50
N LEU B 129 -14.49 4.34 -10.53
CA LEU B 129 -14.33 3.48 -9.30
CA LEU B 129 -14.28 3.59 -9.31
C LEU B 129 -15.64 3.08 -8.65
C LEU B 129 -15.58 3.13 -8.67
N LYS B 130 -16.60 4.00 -8.65
CA LYS B 130 -17.87 3.62 -8.08
C LYS B 130 -18.57 2.56 -8.94
N LYS B 131 -18.39 2.69 -10.22
CA LYS B 131 -18.93 1.65 -11.12
C LYS B 131 -18.32 0.25 -10.84
N ILE B 132 -17.01 0.21 -10.63
CA ILE B 132 -16.38 -1.05 -10.34
C ILE B 132 -16.83 -1.54 -9.02
N ILE B 133 -16.83 -0.65 -7.98
CA ILE B 133 -17.31 -1.08 -6.72
C ILE B 133 -18.72 -1.75 -6.81
N GLY B 134 -19.59 -1.15 -7.63
CA GLY B 134 -20.91 -1.79 -7.75
C GLY B 134 -20.84 -3.11 -8.45
N GLN B 135 -19.91 -3.28 -9.37
CA GLN B 135 -19.83 -4.55 -10.05
C GLN B 135 -19.29 -5.66 -9.09
N VAL B 136 -18.57 -5.27 -8.03
CA VAL B 136 -18.08 -6.30 -7.12
C VAL B 136 -18.78 -6.35 -5.83
N ARG B 137 -19.62 -5.35 -5.64
CA ARG B 137 -19.96 -4.99 -4.26
C ARG B 137 -20.56 -6.20 -3.59
N ASP B 138 -21.28 -7.00 -4.37
CA ASP B 138 -21.89 -8.18 -3.74
C ASP B 138 -20.97 -9.48 -3.48
N GLN B 139 -19.72 -9.42 -3.91
CA GLN B 139 -18.71 -10.47 -3.59
C GLN B 139 -18.10 -10.08 -2.26
N ALA B 140 -18.45 -8.92 -1.69
CA ALA B 140 -17.71 -8.44 -0.46
C ALA B 140 -18.72 -8.10 0.59
N GLU B 141 -18.50 -8.57 1.79
CA GLU B 141 -19.41 -8.22 2.89
C GLU B 141 -19.12 -6.75 3.23
N HIS B 142 -17.83 -6.37 3.34
CA HIS B 142 -17.48 -4.98 3.73
C HIS B 142 -17.04 -4.08 2.59
N LEU B 143 -17.38 -2.80 2.66
CA LEU B 143 -16.97 -1.87 1.64
C LEU B 143 -15.48 -1.86 1.44
N LYS B 144 -14.68 -1.98 2.51
CA LYS B 144 -13.24 -1.91 2.26
C LYS B 144 -12.71 -2.97 1.35
N THR B 145 -13.27 -4.15 1.38
CA THR B 145 -12.88 -5.22 0.42
C THR B 145 -13.25 -4.82 -0.99
N ALA B 146 -14.46 -4.32 -1.20
CA ALA B 146 -14.84 -3.92 -2.53
C ALA B 146 -13.97 -2.83 -3.05
N VAL B 147 -13.59 -1.92 -2.17
CA VAL B 147 -12.72 -0.84 -2.65
C VAL B 147 -11.36 -1.39 -3.04
N GLN B 148 -10.83 -2.33 -2.31
CA GLN B 148 -9.54 -2.85 -2.75
C GLN B 148 -9.64 -3.70 -3.98
N MET B 149 -10.80 -4.35 -4.19
CA MET B 149 -11.01 -5.04 -5.44
C MET B 149 -11.07 -4.05 -6.56
N ALA B 150 -11.69 -2.88 -6.34
CA ALA B 150 -11.73 -1.85 -7.39
C ALA B 150 -10.37 -1.22 -7.70
N VAL B 151 -9.55 -1.04 -6.65
CA VAL B 151 -8.17 -0.63 -6.90
C VAL B 151 -7.43 -1.67 -7.77
N PHE B 152 -7.59 -2.96 -7.45
CA PHE B 152 -6.94 -3.97 -8.25
C PHE B 152 -7.38 -3.94 -9.71
N ILE B 153 -8.68 -3.85 -9.87
CA ILE B 153 -9.19 -3.87 -11.28
C ILE B 153 -8.72 -2.59 -12.03
N HIS B 154 -8.77 -1.43 -11.34
CA HIS B 154 -8.39 -0.18 -12.00
C HIS B 154 -6.90 -0.25 -12.43
N ASN B 155 -6.01 -0.71 -11.51
CA ASN B 155 -4.57 -0.69 -11.77
C ASN B 155 -4.17 -1.73 -12.78
N HIS B 156 -4.98 -2.79 -12.95
CA HIS B 156 -4.55 -3.85 -13.87
C HIS B 156 -5.21 -3.68 -15.22
N LYS B 157 -6.15 -2.76 -15.33
CA LYS B 157 -6.88 -2.63 -16.64
C LYS B 157 -5.99 -2.17 -17.77
N ARG B 158 -5.99 -2.87 -18.93
CA ARG B 158 -5.15 -2.33 -20.03
C ARG B 158 -5.98 -1.31 -20.82
N LYS B 159 -5.48 -0.11 -21.03
CA LYS B 159 -6.30 0.86 -21.78
C LYS B 159 -5.74 0.95 -23.19
N GLY B 164 -1.37 -1.78 -25.48
CA GLY B 164 -2.12 -1.21 -24.36
C GLY B 164 -1.54 -1.59 -23.00
N TYR B 165 -1.12 -0.60 -22.23
CA TYR B 165 -0.48 -0.91 -21.00
C TYR B 165 -1.48 -0.58 -19.87
N SER B 166 -1.20 -1.17 -18.69
CA SER B 166 -2.10 -0.84 -17.54
C SER B 166 -1.45 0.31 -16.74
N ALA B 167 -2.24 0.89 -15.82
CA ALA B 167 -1.67 1.99 -14.95
C ALA B 167 -0.52 1.41 -14.13
N GLY B 168 -0.64 0.17 -13.65
CA GLY B 168 0.45 -0.41 -12.83
C GLY B 168 1.70 -0.56 -13.65
N GLU B 169 1.51 -0.95 -14.92
CA GLU B 169 2.78 -0.94 -15.79
C GLU B 169 3.29 0.45 -16.07
N ARG B 170 2.42 1.44 -16.29
CA ARG B 170 2.88 2.79 -16.62
C ARG B 170 3.65 3.33 -15.40
N ILE B 171 3.12 3.13 -14.19
CA ILE B 171 3.84 3.80 -13.04
C ILE B 171 5.26 3.23 -12.87
N VAL B 172 5.42 1.89 -12.99
CA VAL B 172 6.77 1.25 -12.84
C VAL B 172 7.68 1.73 -13.96
N ASP B 173 7.13 1.81 -15.18
CA ASP B 173 7.97 2.29 -16.36
CA ASP B 173 8.03 2.25 -16.29
C ASP B 173 8.45 3.72 -16.13
N ILE B 174 7.54 4.55 -15.70
CA ILE B 174 7.86 5.94 -15.50
C ILE B 174 8.90 6.10 -14.43
N ILE B 175 8.71 5.46 -13.26
N ILE B 175 8.70 5.45 -13.28
CA ILE B 175 9.68 5.66 -12.22
CA ILE B 175 9.66 5.60 -12.20
C ILE B 175 11.04 5.02 -12.58
C ILE B 175 11.01 4.98 -12.56
N ALA B 176 11.01 3.85 -13.27
CA ALA B 176 12.32 3.19 -13.57
C ALA B 176 13.10 4.06 -14.55
N THR B 177 12.39 4.67 -15.44
CA THR B 177 12.99 5.55 -16.44
C THR B 177 13.66 6.69 -15.71
N ASP B 178 12.98 7.30 -14.72
CA ASP B 178 13.56 8.32 -13.90
C ASP B 178 14.81 7.85 -13.12
N ILE B 179 14.77 6.68 -12.52
CA ILE B 179 15.90 6.19 -11.71
C ILE B 179 17.13 6.01 -12.58
N GLN B 180 16.91 5.58 -13.82
CA GLN B 180 18.03 5.25 -14.78
C GLN B 180 18.65 6.51 -15.41
N ASP C 1 -0.18 15.82 21.57
CA ASP C 1 0.52 14.88 22.44
C ASP C 1 2.02 14.88 22.07
N LEU C 2 2.40 15.84 21.19
CA LEU C 2 3.78 15.99 20.63
C LEU C 2 4.25 14.77 19.82
N LYS C 3 3.29 14.15 19.13
CA LYS C 3 3.62 12.96 18.33
C LYS C 3 3.20 13.36 16.94
N ILE C 4 3.84 12.77 15.91
N ILE C 4 3.83 12.79 15.92
CA ILE C 4 3.47 13.06 14.49
CA ILE C 4 3.48 13.11 14.54
C ILE C 4 1.99 12.78 14.24
C ILE C 4 2.01 12.75 14.22
N ASP C 5 1.43 11.76 14.94
CA ASP C 5 0.07 11.27 14.63
C ASP C 5 -0.89 11.84 15.62
N ASN C 6 -0.34 12.65 16.55
CA ASN C 6 -1.19 13.38 17.53
C ASN C 6 -0.40 14.58 18.00
N LEU C 7 -0.54 15.67 17.27
CA LEU C 7 0.38 16.78 17.53
C LEU C 7 0.14 17.33 18.96
N ASP C 8 -1.09 17.23 19.43
CA ASP C 8 -1.47 17.69 20.81
C ASP C 8 -0.64 17.03 21.89
N ASP D 1 -20.70 -16.29 4.73
CA ASP D 1 -21.75 -15.40 4.23
C ASP D 1 -21.76 -15.39 2.68
N LEU D 2 -21.01 -16.31 2.08
CA LEU D 2 -20.79 -16.40 0.61
C LEU D 2 -20.07 -15.20 0.03
N LYS D 3 -19.21 -14.58 0.85
CA LYS D 3 -18.51 -13.36 0.38
C LYS D 3 -17.06 -13.71 0.41
N ILE D 4 -16.24 -13.04 -0.38
CA ILE D 4 -14.77 -13.37 -0.42
C ILE D 4 -14.20 -13.10 0.97
N ASP D 5 -14.78 -12.10 1.70
CA ASP D 5 -14.19 -11.66 2.96
C ASP D 5 -14.95 -12.27 4.10
N ASN D 6 -15.98 -13.07 3.77
CA ASN D 6 -16.71 -13.82 4.78
C ASN D 6 -17.34 -15.02 4.07
N LEU D 7 -16.57 -16.09 4.02
CA LEU D 7 -16.96 -17.22 3.16
C LEU D 7 -18.24 -17.85 3.75
N ASP D 8 -18.41 -17.74 5.07
CA ASP D 8 -19.67 -18.21 5.76
C ASP D 8 -20.91 -17.51 5.18
#